data_8QQ8
#
_entry.id   8QQ8
#
_cell.length_a   98.000
_cell.length_b   98.000
_cell.length_c   200.780
_cell.angle_alpha   90.00
_cell.angle_beta   90.00
_cell.angle_gamma   90.00
#
_symmetry.space_group_name_H-M   'I 41 2 2'
#
loop_
_entity.id
_entity.type
_entity.pdbx_description
1 polymer '5,10-methylenetetrahydromethanopterin reductase'
2 water water
#
_entity_poly.entity_id   1
_entity_poly.type   'polypeptide(L)'
_entity_poly.pdbx_seq_one_letter_code
;MKFGIQFVPNEPIQKLCYYVKLAEDNGFEYCWITDHYNNRNVYMALTAIAMNTNKIKLGPGVTNPYVRSPAITASAIATL
DELSGGRAVLGIGPGDKATFDALGIEWVKPVTTLKESIEVIRKLLAGERVSYEGKVVKIAGAALAVKPIQKAVPVYMGAQ
GPKMLETAGMIADGVLINASNPKDFEAAIPLIKKGAEAAGRSMDEIDVAAYACMSVDKNADKAKQAAVPVVAFIAAGSPP
VVLERHGIDMEKVEAIRNALKSGNFPEAFKNVDDTMLEAFSIYGTPEDVVEKCKKLAEMGVTQIVAGSPIGPNKETAIKL
IGKKVIPALKE
;
_entity_poly.pdbx_strand_id   A
#
# COMPACT_ATOMS: atom_id res chain seq x y z
N MET A 1 3.78 16.06 -6.12
CA MET A 1 3.18 14.84 -5.62
C MET A 1 4.05 13.64 -6.02
N LYS A 2 4.16 12.64 -5.14
CA LYS A 2 4.88 11.41 -5.47
C LYS A 2 3.92 10.35 -5.98
N PHE A 3 4.37 9.54 -6.92
CA PHE A 3 3.56 8.44 -7.44
C PHE A 3 4.24 7.13 -7.10
N GLY A 4 3.48 6.24 -6.49
CA GLY A 4 3.87 4.87 -6.31
C GLY A 4 3.10 3.99 -7.28
N ILE A 5 3.53 2.76 -7.33
CA ILE A 5 2.86 1.73 -8.10
C ILE A 5 2.90 0.48 -7.24
N GLN A 6 1.81 -0.28 -7.27
CA GLN A 6 1.68 -1.47 -6.46
C GLN A 6 1.35 -2.66 -7.35
N PHE A 7 2.07 -3.75 -7.15
CA PHE A 7 1.90 -4.99 -7.92
C PHE A 7 1.71 -6.14 -6.97
N VAL A 8 0.81 -7.04 -7.33
CA VAL A 8 0.82 -8.39 -6.75
C VAL A 8 1.82 -9.22 -7.54
N PRO A 9 2.77 -9.90 -6.87
CA PRO A 9 3.71 -10.73 -7.64
C PRO A 9 3.11 -12.09 -7.97
N ASN A 10 2.10 -12.07 -8.84
CA ASN A 10 1.36 -13.27 -9.20
C ASN A 10 1.65 -13.72 -10.62
N GLU A 11 2.71 -13.18 -11.23
CA GLU A 11 3.12 -13.49 -12.58
C GLU A 11 4.59 -13.85 -12.53
N PRO A 12 5.16 -14.37 -13.63
CA PRO A 12 6.61 -14.56 -13.66
C PRO A 12 7.32 -13.27 -13.26
N ILE A 13 8.33 -13.41 -12.42
CA ILE A 13 8.99 -12.25 -11.84
C ILE A 13 9.63 -11.39 -12.93
N GLN A 14 10.07 -12.01 -14.03
CA GLN A 14 10.56 -11.22 -15.17
C GLN A 14 9.52 -10.20 -15.63
N LYS A 15 8.25 -10.58 -15.69
CA LYS A 15 7.22 -9.66 -16.16
C LYS A 15 7.06 -8.52 -15.17
N LEU A 16 7.07 -8.86 -13.89
CA LEU A 16 7.05 -7.86 -12.84
C LEU A 16 8.20 -6.88 -12.98
N CYS A 17 9.41 -7.40 -13.26
CA CYS A 17 10.56 -6.52 -13.37
C CYS A 17 10.42 -5.58 -14.54
N TYR A 18 9.88 -6.07 -15.66
CA TYR A 18 9.57 -5.18 -16.76
C TYR A 18 8.63 -4.06 -16.34
N TYR A 19 7.51 -4.40 -15.68
CA TYR A 19 6.57 -3.38 -15.25
C TYR A 19 7.23 -2.34 -14.35
N VAL A 20 8.03 -2.80 -13.38
CA VAL A 20 8.63 -1.84 -12.45
C VAL A 20 9.65 -0.96 -13.14
N LYS A 21 10.55 -1.58 -13.93
CA LYS A 21 11.50 -0.78 -14.69
C LYS A 21 10.77 0.19 -15.61
N LEU A 22 9.68 -0.27 -16.25
CA LEU A 22 8.85 0.65 -17.02
C LEU A 22 8.32 1.78 -16.15
N ALA A 23 7.78 1.43 -14.99
CA ALA A 23 7.31 2.45 -14.07
C ALA A 23 8.44 3.43 -13.73
N GLU A 24 9.62 2.89 -13.44
CA GLU A 24 10.76 3.75 -13.11
C GLU A 24 11.07 4.70 -14.26
N ASP A 25 11.16 4.17 -15.49
CA ASP A 25 11.35 4.99 -16.67
C ASP A 25 10.29 6.07 -16.79
N ASN A 26 9.11 5.83 -16.23
CA ASN A 26 8.00 6.74 -16.38
C ASN A 26 7.83 7.65 -15.16
N GLY A 27 8.81 7.71 -14.28
CA GLY A 27 8.80 8.68 -13.20
C GLY A 27 8.11 8.23 -11.94
N PHE A 28 7.65 6.98 -11.85
CA PHE A 28 7.19 6.48 -10.56
C PHE A 28 8.38 6.47 -9.59
N GLU A 29 8.11 6.85 -8.34
CA GLU A 29 9.16 6.92 -7.35
C GLU A 29 9.12 5.81 -6.32
N TYR A 30 7.97 5.16 -6.12
CA TYR A 30 7.83 4.07 -5.18
C TYR A 30 7.28 2.83 -5.86
N CYS A 31 7.82 1.68 -5.49
CA CYS A 31 7.37 0.39 -6.00
C CYS A 31 6.98 -0.45 -4.81
N TRP A 32 5.70 -0.79 -4.72
CA TRP A 32 5.13 -1.54 -3.61
C TRP A 32 4.72 -2.93 -4.12
N ILE A 33 5.26 -3.98 -3.52
CA ILE A 33 5.00 -5.35 -3.92
C ILE A 33 4.28 -6.03 -2.77
N THR A 34 3.10 -6.60 -3.03
CA THR A 34 2.34 -7.19 -1.94
C THR A 34 3.00 -8.48 -1.47
N ASP A 35 2.72 -8.84 -0.22
CA ASP A 35 3.32 -9.97 0.49
C ASP A 35 2.21 -10.91 0.94
N HIS A 36 1.92 -11.93 0.12
CA HIS A 36 0.96 -12.96 0.49
C HIS A 36 1.62 -14.32 0.26
N TYR A 37 1.39 -15.25 1.19
CA TYR A 37 2.08 -16.54 1.12
C TYR A 37 1.83 -17.29 -0.17
N ASN A 38 0.72 -17.02 -0.85
CA ASN A 38 0.37 -17.85 -1.98
C ASN A 38 0.97 -17.36 -3.29
N ASN A 39 1.61 -16.21 -3.30
CA ASN A 39 2.22 -15.71 -4.52
C ASN A 39 3.74 -15.88 -4.47
N ARG A 40 4.42 -15.36 -5.48
CA ARG A 40 5.87 -15.30 -5.47
C ARG A 40 6.31 -14.53 -4.23
N ASN A 41 7.39 -15.01 -3.62
CA ASN A 41 7.90 -14.42 -2.38
C ASN A 41 8.24 -12.95 -2.64
N VAL A 42 7.78 -12.09 -1.73
CA VAL A 42 7.88 -10.65 -1.98
C VAL A 42 9.35 -10.21 -2.04
N TYR A 43 10.20 -10.81 -1.18
CA TYR A 43 11.58 -10.36 -1.10
C TYR A 43 12.41 -10.88 -2.26
N MET A 44 12.06 -12.06 -2.81
CA MET A 44 12.73 -12.53 -4.01
C MET A 44 12.33 -11.71 -5.21
N ALA A 45 11.03 -11.40 -5.31
CA ALA A 45 10.56 -10.47 -6.32
C ALA A 45 11.32 -9.14 -6.22
N LEU A 46 11.51 -8.63 -5.00
CA LEU A 46 12.13 -7.31 -4.82
C LEU A 46 13.62 -7.35 -5.11
N THR A 47 14.25 -8.52 -4.92
CA THR A 47 15.64 -8.72 -5.30
C THR A 47 15.81 -8.59 -6.80
N ALA A 48 14.98 -9.30 -7.57
CA ALA A 48 15.06 -9.19 -9.01
C ALA A 48 14.74 -7.78 -9.49
N ILE A 49 13.69 -7.18 -8.92
CA ILE A 49 13.30 -5.81 -9.27
C ILE A 49 14.45 -4.84 -9.02
N ALA A 50 15.12 -4.97 -7.87
CA ALA A 50 16.27 -4.15 -7.55
C ALA A 50 17.34 -4.25 -8.63
N MET A 51 17.61 -5.47 -9.09
CA MET A 51 18.61 -5.70 -10.12
C MET A 51 18.21 -5.10 -11.45
N ASN A 52 16.91 -4.94 -11.68
CA ASN A 52 16.48 -4.38 -12.93
C ASN A 52 16.15 -2.91 -12.81
N THR A 53 16.32 -2.31 -11.64
CA THR A 53 15.97 -0.92 -11.45
C THR A 53 17.17 -0.18 -10.89
N ASN A 54 17.06 1.14 -10.83
CA ASN A 54 18.22 1.93 -10.43
C ASN A 54 17.91 3.02 -9.43
N LYS A 55 16.68 3.52 -9.37
CA LYS A 55 16.33 4.69 -8.59
C LYS A 55 14.98 4.61 -7.91
N ILE A 56 14.02 3.84 -8.43
CA ILE A 56 12.72 3.74 -7.78
C ILE A 56 12.91 3.17 -6.37
N LYS A 57 12.21 3.78 -5.41
CA LYS A 57 12.16 3.16 -4.10
C LYS A 57 11.27 1.92 -4.14
N LEU A 58 11.60 0.93 -3.32
CA LEU A 58 10.90 -0.35 -3.46
C LEU A 58 10.88 -1.10 -2.13
N GLY A 59 9.77 -1.77 -1.87
CA GLY A 59 9.68 -2.55 -0.67
C GLY A 59 8.38 -3.32 -0.62
N PRO A 60 8.21 -4.10 0.44
CA PRO A 60 6.93 -4.79 0.64
C PRO A 60 5.82 -3.79 0.86
N GLY A 61 4.67 -4.08 0.27
CA GLY A 61 3.52 -3.20 0.34
C GLY A 61 2.22 -3.97 0.45
N VAL A 62 1.97 -4.58 1.61
CA VAL A 62 2.76 -4.47 2.83
C VAL A 62 3.10 -5.86 3.34
N THR A 63 4.15 -5.98 4.14
CA THR A 63 4.37 -7.23 4.86
C THR A 63 3.67 -7.09 6.20
N ASN A 64 3.89 -8.01 7.13
CA ASN A 64 3.20 -7.95 8.41
C ASN A 64 4.10 -8.57 9.48
N PRO A 65 3.74 -8.43 10.76
CA PRO A 65 4.59 -8.97 11.85
C PRO A 65 4.56 -10.48 11.98
N TYR A 66 3.65 -11.18 11.31
CA TYR A 66 3.30 -12.55 11.70
C TYR A 66 3.84 -13.63 10.79
N VAL A 67 3.96 -13.40 9.48
CA VAL A 67 4.31 -14.50 8.59
C VAL A 67 5.80 -14.78 8.59
N ARG A 68 6.62 -13.82 9.06
CA ARG A 68 8.02 -14.01 9.35
C ARG A 68 8.34 -13.28 10.64
N SER A 69 9.34 -13.78 11.34
CA SER A 69 9.84 -13.03 12.49
C SER A 69 10.18 -11.60 12.07
N PRO A 70 9.82 -10.59 12.87
CA PRO A 70 10.24 -9.22 12.55
C PRO A 70 11.74 -9.11 12.32
N ALA A 71 12.53 -9.93 13.03
CA ALA A 71 13.97 -9.96 12.81
C ALA A 71 14.30 -10.38 11.38
N ILE A 72 13.58 -11.38 10.84
CA ILE A 72 13.79 -11.79 9.45
C ILE A 72 13.41 -10.63 8.52
N THR A 73 12.28 -9.99 8.82
CA THR A 73 11.87 -8.82 8.04
C THR A 73 12.96 -7.75 8.06
N ALA A 74 13.51 -7.47 9.23
CA ALA A 74 14.58 -6.47 9.35
C ALA A 74 15.73 -6.79 8.41
N SER A 75 16.23 -8.03 8.45
CA SER A 75 17.38 -8.34 7.59
C SER A 75 16.99 -8.51 6.13
N ALA A 76 15.74 -8.84 5.83
CA ALA A 76 15.30 -8.81 4.45
C ALA A 76 15.31 -7.38 3.93
N ILE A 77 14.93 -6.44 4.78
CA ILE A 77 14.92 -5.04 4.37
C ILE A 77 16.35 -4.52 4.23
N ALA A 78 17.19 -4.84 5.22
CA ALA A 78 18.60 -4.54 5.15
C ALA A 78 19.22 -5.09 3.89
N THR A 79 18.88 -6.34 3.56
CA THR A 79 19.42 -6.96 2.34
C THR A 79 18.96 -6.18 1.11
N LEU A 80 17.65 -5.92 1.03
CA LEU A 80 17.10 -5.14 -0.06
C LEU A 80 17.78 -3.78 -0.16
N ASP A 81 18.02 -3.15 0.97
CA ASP A 81 18.61 -1.82 0.95
C ASP A 81 20.05 -1.86 0.44
N GLU A 82 20.79 -2.92 0.80
CA GLU A 82 22.13 -3.12 0.26
C GLU A 82 22.08 -3.32 -1.24
N LEU A 83 21.23 -4.24 -1.71
CA LEU A 83 21.21 -4.56 -3.14
C LEU A 83 20.81 -3.36 -3.97
N SER A 84 19.82 -2.60 -3.50
CA SER A 84 19.26 -1.49 -4.24
C SER A 84 20.09 -0.22 -4.12
N GLY A 85 21.18 -0.23 -3.38
CA GLY A 85 21.93 1.00 -3.18
C GLY A 85 21.21 2.02 -2.32
N GLY A 86 20.42 1.56 -1.37
CA GLY A 86 19.76 2.45 -0.45
C GLY A 86 18.37 2.87 -0.83
N ARG A 87 17.62 2.04 -1.55
CA ARG A 87 16.29 2.44 -2.04
C ARG A 87 15.15 1.71 -1.34
N ALA A 88 15.43 0.98 -0.26
CA ALA A 88 14.40 0.18 0.40
C ALA A 88 13.43 1.04 1.18
N VAL A 89 12.15 0.68 1.15
CA VAL A 89 11.14 1.11 2.11
C VAL A 89 10.51 -0.13 2.71
N LEU A 90 10.11 -0.03 3.96
CA LEU A 90 9.38 -1.12 4.61
C LEU A 90 7.91 -0.69 4.71
N GLY A 91 7.07 -1.26 3.86
CA GLY A 91 5.66 -1.14 4.10
C GLY A 91 5.24 -2.32 4.96
N ILE A 92 4.61 -2.05 6.10
CA ILE A 92 4.23 -3.12 7.01
C ILE A 92 2.85 -2.78 7.59
N GLY A 93 1.96 -3.76 7.62
CA GLY A 93 0.63 -3.59 8.16
C GLY A 93 0.21 -4.78 9.00
N PRO A 94 -1.05 -4.82 9.42
CA PRO A 94 -1.49 -5.86 10.35
C PRO A 94 -1.63 -7.26 9.76
N GLY A 95 -1.64 -7.41 8.44
CA GLY A 95 -2.10 -8.64 7.84
C GLY A 95 -3.62 -8.74 7.91
N ASP A 96 -4.13 -9.95 7.75
CA ASP A 96 -5.58 -10.08 7.79
C ASP A 96 -5.94 -11.43 8.38
N LYS A 97 -7.13 -11.46 9.00
CA LYS A 97 -7.54 -12.63 9.75
C LYS A 97 -7.70 -13.84 8.83
N ALA A 98 -8.24 -13.64 7.63
CA ALA A 98 -8.46 -14.77 6.72
C ALA A 98 -7.15 -15.37 6.21
N THR A 99 -6.04 -14.65 6.30
CA THR A 99 -4.75 -15.28 6.03
C THR A 99 -4.27 -16.07 7.24
N PHE A 100 -4.42 -15.50 8.44
CA PHE A 100 -3.81 -16.13 9.60
C PHE A 100 -4.62 -17.30 10.13
N ASP A 101 -5.95 -17.34 9.91
CA ASP A 101 -6.70 -18.56 10.20
C ASP A 101 -6.26 -19.70 9.30
N ALA A 102 -6.02 -19.39 8.02
CA ALA A 102 -5.55 -20.39 7.06
C ALA A 102 -4.18 -20.91 7.45
N LEU A 103 -3.34 -20.07 8.05
CA LEU A 103 -2.00 -20.48 8.39
C LEU A 103 -1.86 -20.92 9.85
N GLY A 104 -2.95 -20.94 10.59
CA GLY A 104 -2.84 -21.29 12.00
C GLY A 104 -2.05 -20.28 12.80
N ILE A 105 -2.12 -19.01 12.43
CA ILE A 105 -1.39 -17.94 13.09
C ILE A 105 -2.38 -17.13 13.92
N GLU A 106 -2.13 -17.04 15.22
CA GLU A 106 -3.01 -16.26 16.06
C GLU A 106 -2.78 -14.78 15.80
N TRP A 107 -3.87 -14.06 15.56
CA TRP A 107 -3.82 -12.65 15.19
C TRP A 107 -3.84 -11.79 16.45
N VAL A 108 -2.74 -11.85 17.19
CA VAL A 108 -2.66 -11.26 18.51
C VAL A 108 -2.48 -9.75 18.37
N LYS A 109 -3.34 -8.97 19.08
CA LYS A 109 -3.23 -7.54 19.32
C LYS A 109 -2.57 -6.81 18.16
N PRO A 110 -3.27 -6.61 17.04
CA PRO A 110 -2.57 -6.13 15.83
C PRO A 110 -1.97 -4.74 15.97
N VAL A 111 -2.65 -3.78 16.58
CA VAL A 111 -2.02 -2.48 16.78
C VAL A 111 -0.73 -2.64 17.57
N THR A 112 -0.81 -3.27 18.74
CA THR A 112 0.35 -3.42 19.61
C THR A 112 1.47 -4.17 18.92
N THR A 113 1.15 -5.24 18.21
CA THR A 113 2.16 -6.05 17.56
C THR A 113 2.83 -5.27 16.43
N LEU A 114 2.04 -4.49 15.68
CA LEU A 114 2.61 -3.70 14.60
C LEU A 114 3.55 -2.64 15.18
N LYS A 115 3.10 -1.91 16.20
CA LYS A 115 3.96 -0.94 16.87
C LYS A 115 5.26 -1.56 17.35
N GLU A 116 5.17 -2.64 18.13
CA GLU A 116 6.37 -3.25 18.71
C GLU A 116 7.30 -3.79 17.64
N SER A 117 6.74 -4.35 16.57
CA SER A 117 7.56 -4.90 15.50
C SER A 117 8.28 -3.80 14.75
N ILE A 118 7.58 -2.71 14.46
CA ILE A 118 8.24 -1.57 13.83
C ILE A 118 9.41 -1.10 14.67
N GLU A 119 9.22 -1.03 16.00
CA GLU A 119 10.29 -0.53 16.88
C GLU A 119 11.48 -1.47 16.86
N VAL A 120 11.21 -2.77 16.93
CA VAL A 120 12.27 -3.77 16.91
C VAL A 120 13.00 -3.76 15.56
N ILE A 121 12.25 -3.67 14.47
CA ILE A 121 12.87 -3.67 13.15
C ILE A 121 13.79 -2.45 13.02
N ARG A 122 13.28 -1.27 13.41
CA ARG A 122 14.07 -0.06 13.40
C ARG A 122 15.37 -0.24 14.17
N LYS A 123 15.28 -0.73 15.42
CA LYS A 123 16.48 -0.89 16.23
C LYS A 123 17.44 -1.89 15.58
N LEU A 124 16.90 -3.00 15.04
CA LEU A 124 17.75 -3.97 14.37
C LEU A 124 18.45 -3.36 13.16
N LEU A 125 17.68 -2.63 12.34
CA LEU A 125 18.25 -1.97 11.18
C LEU A 125 19.30 -0.95 11.58
N ALA A 126 19.15 -0.32 12.74
CA ALA A 126 20.11 0.66 13.22
C ALA A 126 21.42 0.01 13.69
N GLY A 127 21.47 -1.31 13.78
CA GLY A 127 22.69 -1.97 14.20
C GLY A 127 22.77 -2.31 15.66
N GLU A 128 21.68 -2.18 16.41
CA GLU A 128 21.72 -2.39 17.84
C GLU A 128 21.56 -3.87 18.17
N ARG A 129 22.17 -4.27 19.29
CA ARG A 129 21.75 -5.48 19.97
C ARG A 129 20.45 -5.16 20.70
N VAL A 130 19.37 -5.84 20.33
CA VAL A 130 18.03 -5.46 20.76
C VAL A 130 17.60 -6.38 21.89
N SER A 131 17.24 -5.78 23.01
CA SER A 131 16.46 -6.43 24.06
C SER A 131 15.16 -5.65 24.17
N TYR A 132 14.06 -6.30 23.82
CA TYR A 132 12.76 -5.65 23.71
C TYR A 132 11.76 -6.59 24.36
N GLU A 133 11.28 -6.22 25.54
CA GLU A 133 10.36 -7.04 26.30
C GLU A 133 8.97 -6.42 26.21
N GLY A 134 8.37 -6.53 25.02
CA GLY A 134 7.07 -5.95 24.77
C GLY A 134 5.94 -6.85 25.24
N LYS A 135 4.72 -6.37 25.06
CA LYS A 135 3.56 -7.20 25.40
C LYS A 135 3.45 -8.39 24.45
N VAL A 136 3.92 -8.24 23.22
CA VAL A 136 3.82 -9.30 22.23
C VAL A 136 5.20 -9.66 21.67
N VAL A 137 5.90 -8.68 21.13
CA VAL A 137 7.21 -8.95 20.57
C VAL A 137 8.21 -9.01 21.72
N LYS A 138 8.98 -10.09 21.77
CA LYS A 138 9.90 -10.34 22.87
C LYS A 138 11.23 -10.75 22.24
N ILE A 139 12.16 -9.80 22.19
CA ILE A 139 13.48 -9.99 21.59
C ILE A 139 14.52 -9.92 22.70
N ALA A 140 15.49 -10.84 22.67
CA ALA A 140 16.46 -10.98 23.75
C ALA A 140 17.86 -11.10 23.16
N GLY A 141 18.49 -9.95 22.89
CA GLY A 141 19.86 -9.93 22.44
C GLY A 141 20.04 -10.22 20.97
N ALA A 142 19.01 -9.97 20.16
CA ALA A 142 19.17 -10.16 18.72
C ALA A 142 19.94 -8.99 18.12
N ALA A 143 20.69 -9.29 17.06
CA ALA A 143 21.49 -8.27 16.40
C ALA A 143 21.72 -8.69 14.96
N LEU A 144 21.63 -7.74 14.04
CA LEU A 144 21.90 -8.02 12.64
C LEU A 144 23.40 -7.92 12.37
N ALA A 145 23.88 -8.77 11.47
CA ALA A 145 25.20 -8.53 10.91
C ALA A 145 25.06 -7.73 9.61
N VAL A 146 24.00 -7.98 8.84
CA VAL A 146 23.76 -7.25 7.61
C VAL A 146 23.30 -5.83 7.95
N LYS A 147 23.81 -4.86 7.20
CA LYS A 147 23.49 -3.47 7.50
C LYS A 147 22.76 -2.83 6.33
N PRO A 148 21.77 -1.98 6.57
CA PRO A 148 21.20 -1.21 5.47
C PRO A 148 22.22 -0.18 4.98
N ILE A 149 21.90 0.47 3.87
CA ILE A 149 22.73 1.60 3.47
C ILE A 149 22.15 2.90 4.01
N GLN A 150 20.84 3.01 3.97
CA GLN A 150 20.18 4.17 4.55
C GLN A 150 20.40 4.20 6.05
N LYS A 151 20.61 5.40 6.59
CA LYS A 151 20.70 5.58 8.04
C LYS A 151 19.39 5.16 8.71
N ALA A 152 18.26 5.50 8.10
CA ALA A 152 16.95 5.13 8.65
C ALA A 152 16.08 4.69 7.49
N VAL A 153 15.93 3.38 7.31
CA VAL A 153 15.04 2.92 6.23
C VAL A 153 13.62 3.36 6.55
N PRO A 154 12.90 3.96 5.61
CA PRO A 154 11.55 4.44 5.90
C PRO A 154 10.61 3.29 6.19
N VAL A 155 9.80 3.48 7.22
CA VAL A 155 8.78 2.51 7.59
C VAL A 155 7.43 3.13 7.29
N TYR A 156 6.68 2.50 6.38
CA TYR A 156 5.33 2.91 6.03
C TYR A 156 4.38 1.96 6.73
N MET A 157 3.41 2.49 7.43
CA MET A 157 2.46 1.66 8.16
C MET A 157 1.15 1.58 7.39
N GLY A 158 0.69 0.36 7.13
CA GLY A 158 -0.68 0.16 6.70
C GLY A 158 -1.61 0.49 7.84
N ALA A 159 -2.59 1.36 7.60
CA ALA A 159 -3.47 1.82 8.65
C ALA A 159 -4.87 2.07 8.10
N GLN A 160 -5.88 1.46 8.72
CA GLN A 160 -7.28 1.68 8.37
C GLN A 160 -8.09 2.28 9.50
N GLY A 161 -8.05 1.68 10.70
CA GLY A 161 -8.83 2.18 11.82
C GLY A 161 -8.21 3.41 12.46
N PRO A 162 -8.96 4.00 13.40
CA PRO A 162 -8.44 5.17 14.11
C PRO A 162 -7.24 4.88 15.01
N LYS A 163 -7.17 3.73 15.66
CA LYS A 163 -5.99 3.47 16.48
C LYS A 163 -4.77 3.25 15.61
N MET A 164 -4.95 2.62 14.46
CA MET A 164 -3.82 2.40 13.57
C MET A 164 -3.34 3.71 12.98
N LEU A 165 -4.28 4.57 12.58
CA LEU A 165 -3.93 5.86 12.03
C LEU A 165 -3.16 6.69 13.05
N GLU A 166 -3.64 6.73 14.30
CA GLU A 166 -2.93 7.46 15.33
C GLU A 166 -1.55 6.85 15.58
N THR A 167 -1.47 5.52 15.63
CA THR A 167 -0.18 4.87 15.83
C THR A 167 0.79 5.20 14.70
N ALA A 168 0.32 5.09 13.45
CA ALA A 168 1.11 5.53 12.30
C ALA A 168 1.58 6.97 12.47
N GLY A 169 0.71 7.86 12.93
CA GLY A 169 1.14 9.23 13.21
C GLY A 169 2.29 9.30 14.20
N MET A 170 2.26 8.46 15.24
CA MET A 170 3.34 8.55 16.23
C MET A 170 4.66 7.96 15.74
N ILE A 171 4.64 6.90 14.94
CA ILE A 171 5.85 6.11 14.75
C ILE A 171 6.28 5.97 13.29
N ALA A 172 5.41 6.15 12.31
CA ALA A 172 5.72 5.73 10.95
C ALA A 172 6.21 6.88 10.09
N ASP A 173 7.04 6.54 9.11
CA ASP A 173 7.52 7.55 8.17
C ASP A 173 6.52 7.80 7.05
N GLY A 174 5.62 6.85 6.83
CA GLY A 174 4.54 7.02 5.89
C GLY A 174 3.36 6.23 6.40
N VAL A 175 2.18 6.59 5.91
CA VAL A 175 0.96 5.87 6.23
C VAL A 175 0.38 5.39 4.92
N LEU A 176 0.14 4.07 4.83
CA LEU A 176 -0.43 3.48 3.63
C LEU A 176 -1.93 3.33 3.87
N ILE A 177 -2.73 4.11 3.16
CA ILE A 177 -4.17 4.10 3.33
C ILE A 177 -4.79 3.52 2.06
N ASN A 178 -5.40 2.36 2.19
CA ASN A 178 -6.18 1.75 1.12
C ASN A 178 -7.46 2.53 0.95
N ALA A 179 -7.43 3.55 0.10
CA ALA A 179 -8.54 4.47 -0.13
C ALA A 179 -8.19 5.34 -1.33
N SER A 180 -9.20 5.70 -2.12
CA SER A 180 -9.01 6.44 -3.34
C SER A 180 -9.70 7.79 -3.37
N ASN A 181 -10.54 8.09 -2.39
CA ASN A 181 -11.37 9.26 -2.46
C ASN A 181 -10.96 10.29 -1.39
N PRO A 182 -11.06 11.58 -1.69
CA PRO A 182 -10.64 12.59 -0.69
C PRO A 182 -11.40 12.50 0.63
N LYS A 183 -12.68 12.11 0.59
CA LYS A 183 -13.46 12.00 1.82
C LYS A 183 -12.79 11.06 2.83
N ASP A 184 -12.16 9.98 2.35
CA ASP A 184 -11.50 9.07 3.26
C ASP A 184 -10.33 9.73 3.95
N PHE A 185 -9.57 10.53 3.20
CA PHE A 185 -8.41 11.18 3.80
C PHE A 185 -8.81 12.39 4.63
N GLU A 186 -9.95 13.01 4.32
CA GLU A 186 -10.45 14.07 5.18
C GLU A 186 -10.71 13.54 6.58
N ALA A 187 -11.23 12.31 6.68
CA ALA A 187 -11.39 11.64 7.97
C ALA A 187 -10.07 11.08 8.50
N ALA A 188 -9.22 10.54 7.63
CA ALA A 188 -8.05 9.80 8.09
C ALA A 188 -6.93 10.72 8.60
N ILE A 189 -6.66 11.80 7.86
CA ILE A 189 -5.48 12.61 8.15
C ILE A 189 -5.53 13.25 9.54
N PRO A 190 -6.65 13.81 10.01
CA PRO A 190 -6.65 14.33 11.39
C PRO A 190 -6.28 13.27 12.41
N LEU A 191 -6.65 12.00 12.18
CA LEU A 191 -6.21 10.95 13.10
C LEU A 191 -4.69 10.76 13.06
N ILE A 192 -4.10 10.73 11.87
CA ILE A 192 -2.64 10.67 11.79
C ILE A 192 -2.03 11.85 12.54
N LYS A 193 -2.64 13.03 12.38
CA LYS A 193 -2.12 14.24 13.01
C LYS A 193 -2.16 14.14 14.52
N LYS A 194 -3.23 13.55 15.08
CA LYS A 194 -3.29 13.36 16.53
C LYS A 194 -2.12 12.54 17.01
N GLY A 195 -1.82 11.44 16.32
CA GLY A 195 -0.68 10.64 16.69
C GLY A 195 0.63 11.38 16.51
N ALA A 196 0.79 12.06 15.37
CA ALA A 196 1.98 12.86 15.16
C ALA A 196 2.18 13.85 16.29
N GLU A 197 1.12 14.61 16.61
CA GLU A 197 1.16 15.57 17.71
C GLU A 197 1.57 14.90 19.02
N ALA A 198 1.06 13.69 19.27
CA ALA A 198 1.41 12.99 20.49
C ALA A 198 2.89 12.67 20.59
N ALA A 199 3.60 12.63 19.46
CA ALA A 199 5.03 12.36 19.42
C ALA A 199 5.84 13.62 19.11
N GLY A 200 5.20 14.78 19.05
CA GLY A 200 5.92 15.98 18.69
C GLY A 200 6.35 16.05 17.26
N ARG A 201 5.77 15.21 16.40
CA ARG A 201 6.19 15.11 15.01
C ARG A 201 5.36 16.01 14.11
N SER A 202 6.04 16.63 13.15
CA SER A 202 5.36 17.37 12.10
C SER A 202 4.82 16.43 11.03
N MET A 203 3.68 16.83 10.45
CA MET A 203 3.09 16.08 9.35
C MET A 203 4.01 16.03 8.14
N ASP A 204 4.90 17.02 7.99
CA ASP A 204 5.79 16.98 6.84
C ASP A 204 6.87 15.93 6.98
N GLU A 205 6.92 15.23 8.11
CA GLU A 205 7.74 14.05 8.31
C GLU A 205 7.05 12.78 7.85
N ILE A 206 5.79 12.87 7.44
CA ILE A 206 4.94 11.72 7.27
C ILE A 206 4.37 11.73 5.86
N ASP A 207 4.69 10.70 5.10
CA ASP A 207 4.20 10.52 3.75
C ASP A 207 2.83 9.84 3.82
N VAL A 208 1.75 10.61 3.66
CA VAL A 208 0.41 10.04 3.62
C VAL A 208 0.19 9.50 2.22
N ALA A 209 0.08 8.18 2.09
CA ALA A 209 0.06 7.52 0.79
C ALA A 209 -1.31 6.90 0.53
N ALA A 210 -1.90 7.25 -0.61
CA ALA A 210 -3.14 6.63 -1.06
C ALA A 210 -2.83 5.34 -1.81
N TYR A 211 -3.10 4.20 -1.18
CA TYR A 211 -3.11 2.89 -1.87
C TYR A 211 -4.40 2.79 -2.66
N ALA A 212 -4.38 3.37 -3.86
CA ALA A 212 -5.61 3.58 -4.60
C ALA A 212 -5.81 2.49 -5.64
N CYS A 213 -7.09 2.19 -5.91
CA CYS A 213 -7.43 1.45 -7.11
C CYS A 213 -7.44 2.44 -8.27
N MET A 214 -6.52 2.28 -9.21
CA MET A 214 -6.38 3.23 -10.30
C MET A 214 -6.60 2.55 -11.63
N SER A 215 -7.26 3.25 -12.56
CA SER A 215 -7.44 2.74 -13.92
C SER A 215 -7.42 3.92 -14.88
N VAL A 216 -6.35 4.06 -15.65
CA VAL A 216 -6.17 5.19 -16.55
C VAL A 216 -6.21 4.68 -17.99
N ASP A 217 -6.96 5.37 -18.84
CA ASP A 217 -7.04 5.05 -20.25
C ASP A 217 -7.29 6.35 -21.02
N LYS A 218 -6.87 6.37 -22.29
CA LYS A 218 -7.25 7.47 -23.15
C LYS A 218 -8.76 7.52 -23.34
N ASN A 219 -9.44 6.38 -23.17
CA ASN A 219 -10.89 6.27 -23.21
C ASN A 219 -11.41 6.07 -21.80
N ALA A 220 -12.17 7.07 -21.30
CA ALA A 220 -12.66 7.04 -19.92
C ALA A 220 -13.49 5.79 -19.64
N ASP A 221 -14.31 5.37 -20.59
CA ASP A 221 -15.23 4.27 -20.31
C ASP A 221 -14.51 2.93 -20.25
N LYS A 222 -13.43 2.76 -21.02
CA LYS A 222 -12.65 1.53 -20.88
C LYS A 222 -11.89 1.53 -19.56
N ALA A 223 -11.38 2.68 -19.15
CA ALA A 223 -10.84 2.81 -17.79
C ALA A 223 -11.87 2.38 -16.75
N LYS A 224 -13.11 2.88 -16.88
CA LYS A 224 -14.22 2.46 -16.02
C LYS A 224 -14.31 0.94 -15.91
N GLN A 225 -14.42 0.26 -17.06
CA GLN A 225 -14.66 -1.18 -17.07
C GLN A 225 -13.55 -1.96 -16.37
N ALA A 226 -12.29 -1.60 -16.62
CA ALA A 226 -11.18 -2.25 -15.95
C ALA A 226 -11.20 -2.00 -14.45
N ALA A 227 -11.75 -0.86 -14.03
CA ALA A 227 -11.90 -0.57 -12.60
C ALA A 227 -12.97 -1.44 -11.95
N VAL A 228 -13.98 -1.86 -12.72
CA VAL A 228 -15.17 -2.49 -12.14
C VAL A 228 -14.82 -3.76 -11.33
N PRO A 229 -14.05 -4.73 -11.86
CA PRO A 229 -13.78 -5.93 -11.05
C PRO A 229 -13.13 -5.61 -9.71
N VAL A 230 -12.20 -4.67 -9.69
CA VAL A 230 -11.42 -4.40 -8.49
C VAL A 230 -12.25 -3.62 -7.47
N VAL A 231 -13.07 -2.68 -7.94
CA VAL A 231 -13.96 -1.95 -7.05
C VAL A 231 -14.98 -2.90 -6.41
N ALA A 232 -15.40 -3.93 -7.14
CA ALA A 232 -16.36 -4.89 -6.60
C ALA A 232 -15.81 -5.54 -5.34
N PHE A 233 -14.55 -5.96 -5.35
CA PHE A 233 -13.96 -6.54 -4.15
C PHE A 233 -13.78 -5.49 -3.06
N ILE A 234 -13.23 -4.33 -3.41
CA ILE A 234 -13.01 -3.27 -2.42
C ILE A 234 -14.32 -2.92 -1.74
N ALA A 235 -15.39 -2.76 -2.52
CA ALA A 235 -16.69 -2.42 -1.98
C ALA A 235 -17.26 -3.52 -1.10
N ALA A 236 -17.01 -4.79 -1.46
CA ALA A 236 -17.47 -5.89 -0.62
C ALA A 236 -16.77 -5.90 0.72
N GLY A 237 -15.45 -5.71 0.72
CA GLY A 237 -14.69 -5.70 1.95
C GLY A 237 -14.66 -4.39 2.71
N SER A 238 -15.30 -3.35 2.20
CA SER A 238 -15.27 -2.06 2.89
C SER A 238 -16.06 -2.14 4.19
N PRO A 239 -15.57 -1.51 5.26
CA PRO A 239 -16.35 -1.45 6.49
C PRO A 239 -17.53 -0.49 6.34
N PRO A 240 -18.62 -0.71 7.08
CA PRO A 240 -19.82 0.12 6.88
C PRO A 240 -19.58 1.60 7.09
N VAL A 241 -18.63 1.98 7.94
CA VAL A 241 -18.30 3.40 8.09
C VAL A 241 -17.81 3.97 6.75
N VAL A 242 -17.09 3.15 5.96
CA VAL A 242 -16.63 3.60 4.65
C VAL A 242 -17.78 3.60 3.64
N LEU A 243 -18.63 2.57 3.66
CA LEU A 243 -19.83 2.59 2.83
C LEU A 243 -20.71 3.79 3.19
N GLU A 244 -20.93 4.01 4.50
CA GLU A 244 -21.78 5.11 4.92
C GLU A 244 -21.14 6.45 4.58
N ARG A 245 -19.83 6.59 4.79
CA ARG A 245 -19.13 7.82 4.45
C ARG A 245 -19.35 8.22 2.99
N HIS A 246 -19.55 7.23 2.11
CA HIS A 246 -19.66 7.48 0.68
C HIS A 246 -21.08 7.36 0.17
N GLY A 247 -22.05 7.18 1.05
CA GLY A 247 -23.43 7.03 0.63
C GLY A 247 -23.64 5.90 -0.36
N ILE A 248 -22.87 4.82 -0.22
CA ILE A 248 -22.96 3.71 -1.16
C ILE A 248 -24.33 3.07 -1.06
N ASP A 249 -24.94 2.78 -2.22
CA ASP A 249 -26.15 1.96 -2.25
C ASP A 249 -25.86 0.67 -1.51
N MET A 250 -26.46 0.51 -0.34
CA MET A 250 -26.17 -0.66 0.48
C MET A 250 -26.80 -1.93 -0.06
N GLU A 251 -27.85 -1.82 -0.89
CA GLU A 251 -28.45 -3.02 -1.47
C GLU A 251 -27.56 -3.61 -2.56
N LYS A 252 -26.98 -2.76 -3.42
CA LYS A 252 -26.05 -3.25 -4.43
C LYS A 252 -24.88 -3.97 -3.78
N VAL A 253 -24.38 -3.47 -2.65
CA VAL A 253 -23.20 -4.03 -2.02
C VAL A 253 -23.44 -5.48 -1.62
N GLU A 254 -24.61 -5.78 -1.08
CA GLU A 254 -24.87 -7.12 -0.59
C GLU A 254 -25.15 -8.10 -1.71
N ALA A 255 -25.65 -7.61 -2.84
CA ALA A 255 -25.72 -8.46 -4.01
C ALA A 255 -24.33 -8.79 -4.54
N ILE A 256 -23.42 -7.80 -4.53
CA ILE A 256 -22.03 -8.07 -4.88
C ILE A 256 -21.41 -9.05 -3.89
N ARG A 257 -21.58 -8.77 -2.60
CA ARG A 257 -21.09 -9.68 -1.56
C ARG A 257 -21.63 -11.09 -1.78
N ASN A 258 -22.93 -11.20 -2.06
CA ASN A 258 -23.54 -12.50 -2.30
C ASN A 258 -22.89 -13.22 -3.48
N ALA A 259 -22.83 -12.54 -4.63
CA ALA A 259 -22.29 -13.18 -5.83
C ALA A 259 -20.82 -13.54 -5.67
N LEU A 260 -20.09 -12.78 -4.85
CA LEU A 260 -18.70 -13.15 -4.56
C LEU A 260 -18.63 -14.44 -3.76
N LYS A 261 -19.50 -14.57 -2.74
CA LYS A 261 -19.63 -15.84 -2.04
C LYS A 261 -20.01 -16.96 -3.02
N SER A 262 -20.92 -16.67 -3.94
CA SER A 262 -21.39 -17.62 -4.93
C SER A 262 -20.34 -17.97 -5.98
N GLY A 263 -19.16 -17.35 -5.94
CA GLY A 263 -18.08 -17.74 -6.82
C GLY A 263 -18.30 -17.36 -8.28
N ASN A 264 -19.40 -16.66 -8.55
CA ASN A 264 -19.68 -16.15 -9.89
C ASN A 264 -19.48 -14.63 -9.90
N PHE A 265 -19.06 -14.11 -11.03
CA PHE A 265 -18.48 -12.77 -11.02
C PHE A 265 -19.20 -11.74 -11.88
N PRO A 266 -19.63 -12.05 -13.11
CA PRO A 266 -20.33 -11.02 -13.91
C PRO A 266 -21.53 -10.39 -13.22
N GLU A 267 -22.25 -11.15 -12.39
CA GLU A 267 -23.37 -10.56 -11.66
C GLU A 267 -22.87 -9.63 -10.56
N ALA A 268 -21.84 -10.04 -9.83
CA ALA A 268 -21.20 -9.13 -8.88
C ALA A 268 -20.69 -7.89 -9.58
N PHE A 269 -20.10 -8.06 -10.77
CA PHE A 269 -19.55 -6.92 -11.50
C PHE A 269 -20.66 -6.05 -12.07
N LYS A 270 -21.83 -6.62 -12.32
CA LYS A 270 -22.94 -5.85 -12.86
C LYS A 270 -23.49 -4.85 -11.86
N ASN A 271 -23.23 -5.04 -10.56
CA ASN A 271 -23.83 -4.22 -9.52
C ASN A 271 -22.88 -3.16 -8.97
N VAL A 272 -21.64 -3.08 -9.46
CA VAL A 272 -20.84 -1.89 -9.28
C VAL A 272 -21.48 -0.75 -10.06
N ASP A 273 -21.73 0.37 -9.39
CA ASP A 273 -22.35 1.51 -10.07
C ASP A 273 -21.40 2.70 -10.00
N ASP A 274 -21.83 3.81 -10.64
CA ASP A 274 -20.97 4.97 -10.77
C ASP A 274 -20.59 5.58 -9.42
N THR A 275 -21.34 5.28 -8.37
CA THR A 275 -21.05 5.85 -7.06
C THR A 275 -19.89 5.12 -6.37
N MET A 276 -19.93 3.79 -6.38
CA MET A 276 -18.82 3.03 -5.81
C MET A 276 -17.54 3.21 -6.60
N LEU A 277 -17.66 3.35 -7.93
CA LEU A 277 -16.50 3.64 -8.77
C LEU A 277 -15.85 4.95 -8.35
N GLU A 278 -16.66 5.96 -8.04
CA GLU A 278 -16.11 7.25 -7.62
C GLU A 278 -15.49 7.18 -6.24
N ALA A 279 -16.00 6.29 -5.38
CA ALA A 279 -15.54 6.24 -4.01
C ALA A 279 -14.29 5.39 -3.83
N PHE A 280 -14.13 4.35 -4.66
CA PHE A 280 -13.08 3.36 -4.45
C PHE A 280 -12.10 3.25 -5.60
N SER A 281 -12.13 4.17 -6.56
CA SER A 281 -11.15 4.12 -7.63
C SER A 281 -10.84 5.52 -8.13
N ILE A 282 -9.66 5.65 -8.74
CA ILE A 282 -9.28 6.81 -9.54
C ILE A 282 -9.26 6.32 -10.99
N TYR A 283 -10.32 6.57 -11.73
CA TYR A 283 -10.43 6.08 -13.10
C TYR A 283 -10.68 7.23 -14.07
N GLY A 284 -10.48 6.91 -15.35
CA GLY A 284 -10.82 7.83 -16.42
C GLY A 284 -9.65 8.23 -17.30
N THR A 285 -9.82 9.32 -18.02
CA THR A 285 -8.79 9.87 -18.85
C THR A 285 -7.66 10.39 -17.97
N PRO A 286 -6.49 10.66 -18.54
CA PRO A 286 -5.44 11.31 -17.75
C PRO A 286 -5.90 12.64 -17.16
N GLU A 287 -6.81 13.35 -17.85
CA GLU A 287 -7.39 14.55 -17.28
C GLU A 287 -8.24 14.24 -16.06
N ASP A 288 -9.15 13.26 -16.18
CA ASP A 288 -9.94 12.82 -15.03
C ASP A 288 -9.04 12.46 -13.85
N VAL A 289 -8.00 11.68 -14.13
CA VAL A 289 -7.13 11.19 -13.07
C VAL A 289 -6.35 12.34 -12.44
N VAL A 290 -5.89 13.28 -13.27
CA VAL A 290 -5.08 14.38 -12.76
C VAL A 290 -5.89 15.27 -11.82
N GLU A 291 -7.12 15.63 -12.20
CA GLU A 291 -7.97 16.40 -11.28
C GLU A 291 -8.18 15.65 -9.97
N LYS A 292 -8.44 14.34 -10.07
CA LYS A 292 -8.70 13.53 -8.88
C LYS A 292 -7.46 13.46 -7.99
N CYS A 293 -6.28 13.33 -8.59
CA CYS A 293 -5.04 13.38 -7.81
C CYS A 293 -4.85 14.75 -7.15
N LYS A 294 -5.20 15.83 -7.86
CA LYS A 294 -5.07 17.15 -7.27
C LYS A 294 -6.00 17.28 -6.05
N LYS A 295 -7.22 16.75 -6.15
CA LYS A 295 -8.14 16.82 -5.02
C LYS A 295 -7.59 16.06 -3.82
N LEU A 296 -6.92 14.94 -4.07
CA LEU A 296 -6.26 14.21 -3.00
C LEU A 296 -5.06 14.97 -2.47
N ALA A 297 -4.27 15.58 -3.35
CA ALA A 297 -3.16 16.42 -2.89
C ALA A 297 -3.66 17.51 -1.95
N GLU A 298 -4.73 18.19 -2.37
CA GLU A 298 -5.30 19.29 -1.59
C GLU A 298 -5.80 18.82 -0.23
N MET A 299 -6.10 17.54 -0.09
CA MET A 299 -6.56 16.95 1.15
C MET A 299 -5.40 16.51 2.05
N GLY A 300 -4.16 16.54 1.55
CA GLY A 300 -2.99 16.17 2.33
C GLY A 300 -2.32 14.88 1.91
N VAL A 301 -2.79 14.24 0.84
CA VAL A 301 -2.09 13.07 0.32
C VAL A 301 -0.80 13.53 -0.35
N THR A 302 0.31 12.88 0.00
CA THR A 302 1.61 13.23 -0.56
C THR A 302 2.17 12.10 -1.42
N GLN A 303 1.57 10.93 -1.40
CA GLN A 303 1.94 9.88 -2.33
C GLN A 303 0.67 9.19 -2.79
N ILE A 304 0.53 9.03 -4.10
CA ILE A 304 -0.58 8.28 -4.69
C ILE A 304 0.00 7.04 -5.32
N VAL A 305 -0.47 5.90 -4.84
CA VAL A 305 0.02 4.61 -5.30
C VAL A 305 -0.96 4.08 -6.34
N ALA A 306 -0.49 3.95 -7.57
CA ALA A 306 -1.33 3.33 -8.61
C ALA A 306 -1.45 1.84 -8.30
N GLY A 307 -2.58 1.45 -7.70
CA GLY A 307 -2.88 0.05 -7.51
C GLY A 307 -3.67 -0.53 -8.67
N SER A 308 -3.84 -1.85 -8.64
CA SER A 308 -4.53 -2.56 -9.69
C SER A 308 -5.88 -1.93 -9.99
N PRO A 309 -6.31 -1.92 -11.24
CA PRO A 309 -5.67 -2.56 -12.40
C PRO A 309 -4.59 -1.72 -13.06
N ILE A 310 -4.29 -0.52 -12.54
CA ILE A 310 -3.48 0.52 -13.19
C ILE A 310 -4.22 1.03 -14.41
N GLY A 311 -4.63 0.12 -15.28
CA GLY A 311 -5.42 0.45 -16.44
C GLY A 311 -5.83 -0.82 -17.14
N PRO A 312 -6.60 -0.71 -18.21
CA PRO A 312 -7.00 -1.91 -18.95
C PRO A 312 -5.80 -2.75 -19.40
N ASN A 313 -4.75 -2.13 -19.90
CA ASN A 313 -3.47 -2.79 -20.15
C ASN A 313 -2.43 -2.12 -19.28
N LYS A 314 -1.83 -2.89 -18.37
CA LYS A 314 -0.92 -2.32 -17.38
C LYS A 314 0.25 -1.58 -18.03
N GLU A 315 0.86 -2.17 -19.04
CA GLU A 315 1.94 -1.50 -19.77
C GLU A 315 1.45 -0.21 -20.41
N THR A 316 0.32 -0.28 -21.12
CA THR A 316 -0.22 0.92 -21.75
C THR A 316 -0.52 1.99 -20.72
N ALA A 317 -1.03 1.58 -19.55
CA ALA A 317 -1.43 2.55 -18.54
C ALA A 317 -0.22 3.19 -17.88
N ILE A 318 0.79 2.40 -17.55
CA ILE A 318 2.00 2.95 -16.94
C ILE A 318 2.62 4.00 -17.85
N LYS A 319 2.67 3.72 -19.15
CA LYS A 319 3.17 4.70 -20.11
C LYS A 319 2.28 5.94 -20.15
N LEU A 320 0.97 5.76 -20.15
CA LEU A 320 0.07 6.92 -20.17
C LEU A 320 0.23 7.75 -18.91
N ILE A 321 0.32 7.10 -17.75
CA ILE A 321 0.50 7.82 -16.50
C ILE A 321 1.81 8.60 -16.51
N GLY A 322 2.88 7.98 -17.00
CA GLY A 322 4.15 8.67 -17.05
C GLY A 322 4.16 9.83 -18.03
N LYS A 323 3.48 9.65 -19.17
CA LYS A 323 3.42 10.71 -20.16
C LYS A 323 2.48 11.83 -19.74
N LYS A 324 1.29 11.48 -19.22
CA LYS A 324 0.23 12.46 -19.11
C LYS A 324 -0.37 12.61 -17.71
N VAL A 325 0.16 11.94 -16.69
CA VAL A 325 -0.39 12.14 -15.35
C VAL A 325 0.68 12.69 -14.43
N ILE A 326 1.78 11.96 -14.28
CA ILE A 326 2.83 12.39 -13.37
C ILE A 326 3.40 13.77 -13.73
N PRO A 327 3.72 14.07 -14.99
CA PRO A 327 4.24 15.43 -15.29
C PRO A 327 3.25 16.55 -14.98
N ALA A 328 1.95 16.27 -15.05
CA ALA A 328 0.92 17.24 -14.71
C ALA A 328 0.79 17.47 -13.21
N LEU A 329 1.59 16.81 -12.38
CA LEU A 329 1.49 16.92 -10.92
C LEU A 329 2.88 17.06 -10.31
N LYS A 330 3.68 17.96 -10.87
CA LYS A 330 5.00 18.24 -10.35
C LYS A 330 4.95 19.55 -9.59
N GLU A 331 5.02 19.46 -8.25
CA GLU A 331 4.95 20.59 -7.32
C GLU A 331 5.53 21.90 -7.85
#